data_4J7N
#
_entry.id   4J7N
#
_cell.length_a   49.910
_cell.length_b   87.460
_cell.length_c   53.270
_cell.angle_alpha   90.00
_cell.angle_beta   113.69
_cell.angle_gamma   90.00
#
_symmetry.space_group_name_H-M   'P 1 21 1'
#
loop_
_entity.id
_entity.type
_entity.pdbx_description
1 polymer 'Protein Dom3Z'
2 non-polymer "7-METHYL-GUANOSINE-5'-TRIPHOSPHATE-5'-GUANOSINE"
3 non-polymer 9-METHYLGUANINE
4 non-polymer 1,2-ETHANEDIOL
5 water water
#
_entity_poly.entity_id   1
_entity_poly.type   'polypeptide(L)'
_entity_poly.pdbx_seq_one_letter_code
;MGSSHHHHHHSSGLVPRGSHPSLRTQPSLYSGPFPFYRRPSELGCFSLDAQRQYHGDARALRYYSPPPINGPGPDFDLRD
GYPDRYQPRDEEVQERLDHLLRWVLEHRNQLEGGPGWLAGATVTWRGHLTKLLTTPYERQEGWQLAASRFQGTLYLSEVE
TPAARAQRLARPPLLRELMYMGYKFEQYMCADKPGGSPDPSGEVNTNVAYCSVLRSRLGNHPLLFSGEVDCLNPQAPCTQ
PPSCYVELKTSKEMHSPGQWRSFYRHKLLKWWAQSFLPGVPHVVAGFRNPEGFVCSLKTFPTMEMFENVRNDREGWNPSV
CMNFCAAFLSFAQSTVVQDDPRLVHLFSWEPGGPVTVSVHRDAPYAFLPSWYVETMTQ
;
_entity_poly.pdbx_strand_id   A
#
# COMPACT_ATOMS: atom_id res chain seq x y z
N PRO A 21 1.06 25.21 14.17
CA PRO A 21 2.22 24.51 13.61
C PRO A 21 1.88 23.75 12.32
N SER A 22 2.88 23.64 11.46
CA SER A 22 2.74 22.99 10.19
C SER A 22 4.05 22.27 9.89
N LEU A 23 4.07 21.44 8.85
CA LEU A 23 5.25 20.67 8.49
C LEU A 23 5.61 20.84 7.02
N ARG A 24 6.82 21.34 6.73
CA ARG A 24 7.25 21.53 5.35
C ARG A 24 7.55 20.20 4.67
N THR A 25 7.40 20.15 3.35
CA THR A 25 7.59 18.90 2.61
C THR A 25 8.68 18.93 1.54
N GLN A 26 9.40 20.04 1.39
CA GLN A 26 10.43 20.11 0.34
C GLN A 26 11.55 19.10 0.47
N PRO A 27 11.93 18.43 -0.64
CA PRO A 27 13.00 17.44 -0.58
C PRO A 27 14.30 17.93 0.05
N SER A 28 14.66 19.18 -0.22
CA SER A 28 15.90 19.74 0.32
C SER A 28 16.01 19.67 1.83
N LEU A 29 14.88 19.61 2.52
CA LEU A 29 14.91 19.54 3.98
C LEU A 29 15.16 18.14 4.49
N TYR A 30 15.01 17.15 3.61
CA TYR A 30 15.10 15.76 4.01
C TYR A 30 16.17 14.93 3.34
N SER A 31 17.14 15.60 2.74
CA SER A 31 18.20 14.91 1.99
C SER A 31 19.39 14.34 2.75
N GLY A 32 19.32 14.32 4.08
CA GLY A 32 20.41 13.75 4.86
C GLY A 32 20.47 12.23 4.77
N PRO A 33 21.30 11.58 5.58
CA PRO A 33 21.47 10.12 5.61
C PRO A 33 20.16 9.35 5.74
N PHE A 34 20.12 8.18 5.10
CA PHE A 34 18.95 7.31 5.16
C PHE A 34 18.74 6.98 6.63
N PRO A 35 17.48 7.12 7.12
CA PRO A 35 17.20 6.85 8.53
C PRO A 35 17.09 5.39 8.86
N PHE A 36 17.00 5.10 10.16
CA PHE A 36 16.85 3.73 10.55
C PHE A 36 15.45 3.21 10.19
N TYR A 37 15.41 2.07 9.51
CA TYR A 37 14.14 1.43 9.18
C TYR A 37 14.32 -0.04 9.48
N ARG A 38 13.55 -0.54 10.44
CA ARG A 38 13.65 -1.94 10.82
C ARG A 38 13.21 -2.91 9.75
N ARG A 39 13.98 -3.97 9.54
CA ARG A 39 13.59 -5.00 8.62
C ARG A 39 12.19 -5.46 9.05
N PRO A 40 11.19 -5.37 8.16
CA PRO A 40 9.85 -5.78 8.57
C PRO A 40 9.69 -7.26 8.87
N SER A 41 8.89 -7.56 9.89
CA SER A 41 8.57 -8.94 10.29
C SER A 41 7.08 -9.13 10.14
N GLU A 42 6.67 -10.23 9.52
CA GLU A 42 5.25 -10.52 9.40
C GLU A 42 4.73 -11.09 10.70
N LEU A 43 3.73 -10.42 11.26
CA LEU A 43 3.11 -10.84 12.52
C LEU A 43 1.92 -11.74 12.27
N GLY A 44 1.33 -11.62 11.09
CA GLY A 44 0.17 -12.41 10.75
C GLY A 44 -0.40 -11.96 9.42
N CYS A 45 -1.64 -12.36 9.17
CA CYS A 45 -2.30 -12.03 7.92
C CYS A 45 -3.79 -12.16 8.06
N PHE A 46 -4.50 -11.67 7.04
CA PHE A 46 -5.93 -11.91 6.98
C PHE A 46 -6.38 -11.84 5.54
N SER A 47 -7.57 -12.36 5.27
CA SER A 47 -8.14 -12.37 3.94
C SER A 47 -9.53 -11.79 3.94
N LEU A 48 -9.91 -11.24 2.78
CA LEU A 48 -11.27 -10.73 2.56
C LEU A 48 -11.77 -11.60 1.39
N ASP A 49 -12.96 -12.18 1.54
CA ASP A 49 -13.51 -13.02 0.49
C ASP A 49 -14.31 -12.26 -0.56
N ALA A 50 -14.95 -12.99 -1.47
CA ALA A 50 -15.71 -12.39 -2.55
C ALA A 50 -16.87 -11.49 -2.14
N GLN A 51 -17.32 -11.65 -0.88
CA GLN A 51 -18.39 -10.83 -0.34
C GLN A 51 -17.81 -9.80 0.61
N ARG A 52 -16.49 -9.66 0.59
CA ARG A 52 -15.78 -8.73 1.45
C ARG A 52 -15.83 -9.10 2.94
N GLN A 53 -16.03 -10.38 3.24
CA GLN A 53 -16.04 -10.82 4.61
C GLN A 53 -14.62 -11.17 5.05
N TYR A 54 -14.30 -10.79 6.28
CA TYR A 54 -13.00 -11.04 6.88
C TYR A 54 -12.81 -12.47 7.35
N HIS A 55 -11.62 -13.02 7.12
CA HIS A 55 -11.25 -14.34 7.62
C HIS A 55 -9.82 -14.24 8.10
N GLY A 56 -9.55 -14.66 9.33
CA GLY A 56 -8.22 -14.57 9.86
C GLY A 56 -7.33 -15.72 9.43
N ASP A 57 -7.12 -15.86 8.13
CA ASP A 57 -6.24 -16.89 7.59
C ASP A 57 -5.79 -16.44 6.20
N ALA A 58 -5.01 -17.27 5.53
CA ALA A 58 -4.46 -16.90 4.22
C ALA A 58 -5.23 -17.47 3.03
N ARG A 59 -6.52 -17.71 3.19
CA ARG A 59 -7.26 -18.30 2.08
C ARG A 59 -7.23 -17.52 0.77
N ALA A 60 -7.04 -16.19 0.84
CA ALA A 60 -7.05 -15.39 -0.39
C ALA A 60 -5.69 -15.30 -1.07
N LEU A 61 -4.68 -15.85 -0.42
CA LEU A 61 -3.33 -15.81 -0.96
C LEU A 61 -3.23 -16.62 -2.24
N ARG A 62 -2.64 -16.03 -3.29
CA ARG A 62 -2.43 -16.76 -4.53
C ARG A 62 -0.94 -16.95 -4.75
N TYR A 63 -0.61 -17.74 -5.75
CA TYR A 63 0.78 -18.13 -5.99
C TYR A 63 1.29 -17.78 -7.37
N TYR A 64 2.47 -17.17 -7.38
CA TYR A 64 3.10 -16.73 -8.60
C TYR A 64 3.23 -17.92 -9.56
N SER A 65 2.78 -17.73 -10.80
CA SER A 65 2.78 -18.79 -11.81
C SER A 65 2.97 -18.13 -13.16
N PRO A 66 4.22 -17.87 -13.52
CA PRO A 66 4.56 -17.22 -14.79
C PRO A 66 4.42 -18.16 -15.98
N PRO A 67 4.51 -17.63 -17.20
CA PRO A 67 4.37 -18.44 -18.43
C PRO A 67 5.33 -19.61 -18.40
N PRO A 68 4.88 -20.78 -18.88
CA PRO A 68 5.71 -21.98 -18.91
C PRO A 68 7.02 -21.73 -19.64
N ILE A 69 8.12 -22.25 -19.10
CA ILE A 69 9.37 -22.03 -19.78
C ILE A 69 9.40 -22.72 -21.15
N ASN A 70 10.15 -22.11 -22.05
CA ASN A 70 10.34 -22.56 -23.42
C ASN A 70 9.10 -22.50 -24.29
N GLY A 71 8.03 -21.89 -23.77
CA GLY A 71 6.81 -21.74 -24.53
C GLY A 71 6.76 -20.38 -25.21
N PRO A 72 5.57 -19.98 -25.69
CA PRO A 72 5.40 -18.70 -26.36
C PRO A 72 5.69 -17.55 -25.40
N GLY A 73 5.98 -16.37 -25.94
CA GLY A 73 6.20 -15.23 -25.04
C GLY A 73 4.85 -14.82 -24.44
N PRO A 74 4.81 -14.02 -23.35
CA PRO A 74 3.51 -13.63 -22.81
C PRO A 74 2.70 -12.86 -23.85
N ASP A 75 1.39 -13.06 -23.82
CA ASP A 75 0.49 -12.37 -24.75
C ASP A 75 -0.86 -12.35 -24.03
N PHE A 76 -0.88 -11.70 -22.86
CA PHE A 76 -2.09 -11.68 -22.05
C PHE A 76 -3.10 -10.60 -22.47
N ASP A 77 -4.34 -10.99 -22.73
CA ASP A 77 -5.36 -10.02 -23.12
C ASP A 77 -5.98 -9.44 -21.84
N LEU A 78 -5.50 -8.26 -21.44
CA LEU A 78 -6.01 -7.66 -20.19
C LEU A 78 -7.45 -7.16 -20.28
N ARG A 79 -7.99 -7.06 -21.49
CA ARG A 79 -9.37 -6.61 -21.64
C ARG A 79 -10.36 -7.77 -21.59
N ASP A 80 -9.87 -9.00 -21.68
CA ASP A 80 -10.77 -10.16 -21.70
C ASP A 80 -11.62 -10.20 -20.43
N GLY A 81 -12.93 -10.32 -20.60
CA GLY A 81 -13.80 -10.38 -19.44
C GLY A 81 -14.33 -9.04 -18.95
N TYR A 82 -13.86 -7.94 -19.53
CA TYR A 82 -14.34 -6.63 -19.10
C TYR A 82 -15.53 -6.24 -19.96
N PRO A 83 -16.66 -5.86 -19.33
CA PRO A 83 -16.96 -5.76 -17.90
C PRO A 83 -17.82 -6.89 -17.36
N ASP A 84 -18.23 -7.82 -18.23
CA ASP A 84 -19.10 -8.92 -17.80
C ASP A 84 -18.58 -9.81 -16.70
N ARG A 85 -17.26 -9.95 -16.60
CA ARG A 85 -16.72 -10.78 -15.55
C ARG A 85 -15.94 -9.96 -14.53
N TYR A 86 -16.39 -8.73 -14.33
CA TYR A 86 -15.77 -7.83 -13.36
C TYR A 86 -16.75 -7.59 -12.22
N GLN A 87 -16.33 -7.87 -11.00
CA GLN A 87 -17.17 -7.66 -9.80
C GLN A 87 -16.34 -6.71 -8.92
N PRO A 88 -16.49 -5.39 -9.11
CA PRO A 88 -15.77 -4.36 -8.36
C PRO A 88 -16.22 -4.23 -6.91
N ARG A 89 -15.29 -3.97 -5.99
CA ARG A 89 -15.70 -3.75 -4.61
C ARG A 89 -16.43 -2.41 -4.60
N ASP A 90 -17.34 -2.24 -3.64
CA ASP A 90 -18.16 -1.02 -3.52
C ASP A 90 -17.36 0.08 -2.83
N GLU A 91 -16.96 1.11 -3.56
CA GLU A 91 -16.15 2.17 -2.97
C GLU A 91 -16.91 3.15 -2.08
N GLU A 92 -18.23 3.07 -2.10
CA GLU A 92 -19.02 3.97 -1.25
C GLU A 92 -19.05 3.49 0.20
N VAL A 93 -18.56 2.27 0.43
CA VAL A 93 -18.49 1.70 1.77
C VAL A 93 -17.17 2.20 2.37
N GLN A 94 -17.20 2.98 3.44
CA GLN A 94 -15.95 3.45 4.05
C GLN A 94 -15.49 2.48 5.12
N GLU A 95 -14.45 1.74 4.81
CA GLU A 95 -13.93 0.74 5.73
C GLU A 95 -12.89 1.26 6.71
N ARG A 96 -12.21 2.36 6.35
CA ARG A 96 -11.17 2.91 7.19
C ARG A 96 -10.23 1.82 7.73
N LEU A 97 -9.94 1.79 9.02
CA LEU A 97 -9.01 0.78 9.52
C LEU A 97 -9.70 -0.47 10.05
N ASP A 98 -11.01 -0.55 9.86
CA ASP A 98 -11.77 -1.64 10.48
C ASP A 98 -11.22 -3.05 10.38
N HIS A 99 -10.76 -3.46 9.20
CA HIS A 99 -10.26 -4.83 9.12
C HIS A 99 -8.96 -5.03 9.89
N LEU A 100 -8.08 -4.03 9.86
CA LEU A 100 -6.83 -4.13 10.62
C LEU A 100 -7.15 -4.10 12.12
N LEU A 101 -8.12 -3.28 12.54
CA LEU A 101 -8.48 -3.25 13.96
C LEU A 101 -9.01 -4.61 14.42
N ARG A 102 -9.73 -5.32 13.56
CA ARG A 102 -10.22 -6.64 13.95
C ARG A 102 -9.01 -7.56 14.14
N TRP A 103 -8.02 -7.49 13.26
CA TRP A 103 -6.84 -8.33 13.44
C TRP A 103 -6.15 -7.98 14.76
N VAL A 104 -5.95 -6.69 15.03
CA VAL A 104 -5.28 -6.28 16.26
C VAL A 104 -6.05 -6.78 17.47
N LEU A 105 -7.36 -6.57 17.46
CA LEU A 105 -8.16 -7.02 18.59
C LEU A 105 -7.98 -8.53 18.82
N GLU A 106 -7.98 -9.31 17.75
CA GLU A 106 -7.84 -10.75 17.86
C GLU A 106 -6.43 -11.26 18.15
N HIS A 107 -5.45 -10.37 18.13
CA HIS A 107 -4.07 -10.77 18.41
C HIS A 107 -3.39 -9.90 19.47
N ARG A 108 -4.15 -9.08 20.18
CA ARG A 108 -3.57 -8.17 21.15
C ARG A 108 -2.69 -8.80 22.21
N ASN A 109 -3.04 -9.99 22.66
CA ASN A 109 -2.21 -10.64 23.69
C ASN A 109 -1.18 -11.58 23.09
N GLN A 110 -0.93 -11.45 21.79
CA GLN A 110 0.04 -12.31 21.12
C GLN A 110 1.03 -11.53 20.27
N LEU A 111 1.14 -10.23 20.49
CA LEU A 111 2.06 -9.42 19.72
C LEU A 111 3.47 -9.52 20.28
N GLU A 112 4.48 -9.24 19.45
CA GLU A 112 5.86 -9.28 19.92
C GLU A 112 6.19 -7.94 20.56
N GLY A 113 7.42 -7.82 21.04
CA GLY A 113 7.87 -6.56 21.61
C GLY A 113 7.64 -6.41 23.09
N GLY A 114 7.02 -7.41 23.69
CA GLY A 114 6.79 -7.35 25.12
C GLY A 114 5.66 -6.44 25.57
N PRO A 115 5.45 -6.37 26.89
CA PRO A 115 4.39 -5.53 27.46
C PRO A 115 4.49 -4.08 27.03
N GLY A 116 3.34 -3.53 26.67
CA GLY A 116 3.30 -2.13 26.27
C GLY A 116 3.84 -1.82 24.89
N TRP A 117 4.21 -2.83 24.08
CA TRP A 117 4.75 -2.51 22.76
C TRP A 117 3.69 -1.75 21.93
N LEU A 118 2.47 -2.27 21.90
CA LEU A 118 1.44 -1.59 21.12
C LEU A 118 1.20 -0.15 21.55
N ALA A 119 1.30 0.14 22.83
CA ALA A 119 1.04 1.48 23.31
C ALA A 119 2.03 2.49 22.76
N GLY A 120 3.19 2.02 22.32
CA GLY A 120 4.15 2.98 21.78
C GLY A 120 4.22 2.99 20.26
N ALA A 121 3.35 2.23 19.63
CA ALA A 121 3.36 2.10 18.18
C ALA A 121 2.37 3.02 17.47
N THR A 122 2.57 3.11 16.15
CA THR A 122 1.67 3.83 15.27
C THR A 122 1.07 2.73 14.38
N VAL A 123 -0.26 2.72 14.26
CA VAL A 123 -0.98 1.70 13.51
C VAL A 123 -1.65 2.34 12.29
N THR A 124 -1.47 1.75 11.10
CA THR A 124 -2.07 2.31 9.90
C THR A 124 -1.99 1.33 8.74
N TRP A 125 -2.50 1.70 7.57
CA TRP A 125 -2.38 0.85 6.38
C TRP A 125 -1.09 1.18 5.66
N ARG A 126 -0.49 0.18 5.00
CA ARG A 126 0.74 0.40 4.23
C ARG A 126 0.52 1.54 3.24
N GLY A 127 -0.63 1.55 2.54
CA GLY A 127 -0.87 2.61 1.55
C GLY A 127 -0.81 4.02 2.10
N HIS A 128 -1.20 4.20 3.37
CA HIS A 128 -1.15 5.53 3.97
C HIS A 128 0.32 5.93 4.14
N LEU A 129 1.16 4.98 4.59
CA LEU A 129 2.59 5.25 4.73
C LEU A 129 3.19 5.53 3.36
N THR A 130 2.75 4.82 2.31
CA THR A 130 3.28 5.07 0.95
C THR A 130 3.01 6.51 0.53
N LYS A 131 1.81 7.02 0.80
CA LYS A 131 1.50 8.42 0.44
C LYS A 131 2.42 9.38 1.19
N LEU A 132 2.79 9.07 2.43
CA LEU A 132 3.72 9.95 3.13
C LEU A 132 5.07 9.92 2.42
N LEU A 133 5.57 8.72 2.15
CA LEU A 133 6.86 8.57 1.50
C LEU A 133 6.96 9.38 0.21
N THR A 134 5.91 9.37 -0.58
CA THR A 134 6.01 10.07 -1.86
C THR A 134 5.63 11.54 -1.82
N THR A 135 5.26 12.05 -0.65
CA THR A 135 4.82 13.44 -0.55
C THR A 135 5.83 14.50 -1.05
N PRO A 136 7.12 14.36 -0.71
CA PRO A 136 8.08 15.39 -1.16
C PRO A 136 8.15 15.56 -2.66
N TYR A 137 7.72 14.54 -3.39
CA TYR A 137 7.77 14.58 -4.85
C TYR A 137 6.43 14.68 -5.54
N GLU A 138 5.35 14.61 -4.78
CA GLU A 138 4.02 14.60 -5.35
C GLU A 138 3.56 15.97 -5.82
N ARG A 139 3.12 16.02 -7.07
CA ARG A 139 2.67 17.27 -7.67
C ARG A 139 1.19 17.32 -8.02
N GLN A 140 0.50 16.18 -7.94
CA GLN A 140 -0.90 16.12 -8.35
C GLN A 140 -1.95 15.88 -7.28
N GLU A 141 -1.76 14.85 -6.47
CA GLU A 141 -2.77 14.50 -5.49
C GLU A 141 -2.43 14.73 -4.04
N GLY A 142 -3.27 15.53 -3.37
CA GLY A 142 -3.09 15.80 -1.96
C GLY A 142 -3.74 14.67 -1.16
N TRP A 143 -3.69 14.82 0.15
CA TRP A 143 -4.26 13.81 1.02
C TRP A 143 -4.63 14.40 2.36
N GLN A 144 -5.36 13.59 3.14
CA GLN A 144 -5.75 13.96 4.48
C GLN A 144 -5.67 12.69 5.32
N LEU A 145 -5.03 12.80 6.47
CA LEU A 145 -4.93 11.66 7.38
C LEU A 145 -5.53 12.06 8.73
N ALA A 146 -6.51 11.28 9.20
CA ALA A 146 -7.10 11.53 10.53
C ALA A 146 -6.23 10.77 11.54
N ALA A 147 -5.94 11.40 12.68
CA ALA A 147 -5.11 10.76 13.70
C ALA A 147 -5.81 10.79 15.05
N SER A 148 -5.83 9.64 15.72
CA SER A 148 -6.42 9.52 17.05
C SER A 148 -5.49 8.69 17.92
N ARG A 149 -5.27 9.11 19.16
CA ARG A 149 -4.45 8.33 20.09
C ARG A 149 -5.41 7.61 21.03
N PHE A 150 -5.15 6.33 21.29
CA PHE A 150 -6.04 5.57 22.14
C PHE A 150 -5.18 4.52 22.82
N GLN A 151 -5.13 4.60 24.15
CA GLN A 151 -4.31 3.70 24.96
C GLN A 151 -2.84 3.79 24.50
N GLY A 152 -2.40 5.03 24.26
CA GLY A 152 -1.02 5.26 23.87
C GLY A 152 -0.77 5.18 22.38
N THR A 153 -1.37 4.18 21.77
CA THR A 153 -1.20 3.91 20.33
C THR A 153 -1.74 5.05 19.46
N LEU A 154 -0.99 5.42 18.41
CA LEU A 154 -1.44 6.46 17.50
C LEU A 154 -1.97 5.75 16.26
N TYR A 155 -3.23 6.03 15.91
CA TYR A 155 -3.87 5.44 14.73
C TYR A 155 -4.01 6.48 13.65
N LEU A 156 -3.64 6.11 12.42
CA LEU A 156 -3.70 7.03 11.27
C LEU A 156 -4.63 6.42 10.23
N SER A 157 -5.65 7.17 9.83
CA SER A 157 -6.65 6.68 8.86
C SER A 157 -6.95 7.74 7.82
N GLU A 158 -6.84 7.40 6.56
CA GLU A 158 -7.05 8.39 5.50
C GLU A 158 -8.49 8.88 5.37
N VAL A 159 -8.63 10.18 5.06
CA VAL A 159 -9.93 10.80 4.85
C VAL A 159 -9.96 11.20 3.37
N GLU A 160 -11.08 10.95 2.70
CA GLU A 160 -11.18 11.30 1.28
C GLU A 160 -11.30 12.79 1.12
N THR A 161 -10.50 13.37 0.22
CA THR A 161 -10.54 14.81 0.00
C THR A 161 -11.68 15.12 -0.99
N PRO A 162 -12.12 16.39 -1.04
CA PRO A 162 -13.19 16.77 -1.96
C PRO A 162 -12.81 16.42 -3.42
N ALA A 163 -11.57 16.69 -3.80
CA ALA A 163 -11.13 16.41 -5.16
C ALA A 163 -11.14 14.92 -5.45
N ALA A 164 -10.72 14.12 -4.46
CA ALA A 164 -10.68 12.69 -4.64
C ALA A 164 -12.08 12.14 -4.79
N ARG A 165 -13.02 12.66 -4.01
CA ARG A 165 -14.39 12.17 -4.14
C ARG A 165 -14.96 12.54 -5.51
N ALA A 166 -14.69 13.76 -5.96
CA ALA A 166 -15.18 14.21 -7.27
C ALA A 166 -14.60 13.35 -8.39
N GLN A 167 -13.30 13.10 -8.30
CA GLN A 167 -12.60 12.32 -9.31
C GLN A 167 -13.10 10.90 -9.32
N ARG A 168 -13.32 10.35 -8.13
CA ARG A 168 -13.81 9.00 -8.01
C ARG A 168 -15.12 8.88 -8.78
N LEU A 169 -16.11 9.67 -8.41
CA LEU A 169 -17.40 9.61 -9.05
C LEU A 169 -17.35 9.88 -10.56
N ALA A 170 -16.43 10.74 -11.00
CA ALA A 170 -16.29 11.08 -12.42
C ALA A 170 -15.24 10.23 -13.13
N ARG A 171 -14.83 9.14 -12.51
CA ARG A 171 -13.81 8.27 -13.09
C ARG A 171 -14.13 7.91 -14.53
N PRO A 172 -13.22 8.24 -15.45
CA PRO A 172 -13.40 7.95 -16.87
C PRO A 172 -13.51 6.46 -17.09
N PRO A 173 -14.26 6.05 -18.12
CA PRO A 173 -14.39 4.61 -18.39
C PRO A 173 -13.00 4.00 -18.62
N LEU A 174 -12.12 4.77 -19.25
CA LEU A 174 -10.75 4.32 -19.52
C LEU A 174 -10.05 3.93 -18.23
N LEU A 175 -10.21 4.77 -17.21
CA LEU A 175 -9.57 4.54 -15.92
C LEU A 175 -10.17 3.34 -15.19
N ARG A 176 -11.47 3.12 -15.34
CA ARG A 176 -12.13 1.98 -14.72
C ARG A 176 -11.61 0.71 -15.40
N GLU A 177 -11.45 0.76 -16.71
CA GLU A 177 -10.95 -0.43 -17.41
C GLU A 177 -9.47 -0.66 -17.07
N LEU A 178 -8.73 0.43 -16.87
CA LEU A 178 -7.30 0.32 -16.52
C LEU A 178 -7.16 -0.37 -15.15
N MET A 179 -8.05 -0.03 -14.22
CA MET A 179 -8.03 -0.68 -12.92
C MET A 179 -8.32 -2.19 -13.10
N TYR A 180 -9.32 -2.51 -13.90
CA TYR A 180 -9.66 -3.90 -14.17
C TYR A 180 -8.42 -4.62 -14.74
N MET A 181 -7.76 -3.98 -15.70
CA MET A 181 -6.61 -4.61 -16.36
C MET A 181 -5.50 -4.97 -15.40
N GLY A 182 -5.32 -4.14 -14.37
CA GLY A 182 -4.29 -4.45 -13.38
C GLY A 182 -4.65 -5.73 -12.63
N TYR A 183 -5.92 -5.86 -12.23
CA TYR A 183 -6.34 -7.07 -11.52
C TYR A 183 -6.36 -8.26 -12.46
N LYS A 184 -6.71 -8.03 -13.73
CA LYS A 184 -6.73 -9.11 -14.69
C LYS A 184 -5.31 -9.66 -14.92
N PHE A 185 -4.31 -8.76 -14.95
CA PHE A 185 -2.91 -9.19 -15.11
C PHE A 185 -2.56 -10.14 -13.96
N GLU A 186 -3.00 -9.82 -12.74
CA GLU A 186 -2.73 -10.70 -11.61
C GLU A 186 -3.34 -12.08 -11.86
N GLN A 187 -4.55 -12.12 -12.38
CA GLN A 187 -5.21 -13.40 -12.68
C GLN A 187 -4.41 -14.24 -13.68
N TYR A 188 -3.78 -13.60 -14.67
CA TYR A 188 -2.96 -14.32 -15.65
C TYR A 188 -1.65 -14.82 -15.10
N MET A 189 -1.23 -14.24 -13.97
CA MET A 189 0.08 -14.55 -13.40
C MET A 189 0.08 -15.33 -12.10
N CYS A 190 -1.10 -15.75 -11.62
CA CYS A 190 -1.21 -16.43 -10.34
C CYS A 190 -2.09 -17.65 -10.44
N ALA A 191 -1.83 -18.60 -9.56
CA ALA A 191 -2.60 -19.84 -9.49
C ALA A 191 -3.17 -19.94 -8.08
N ASP A 192 -4.24 -20.71 -7.91
CA ASP A 192 -4.85 -20.84 -6.59
C ASP A 192 -4.06 -21.72 -5.63
N LYS A 193 -3.20 -22.58 -6.15
CA LYS A 193 -2.38 -23.47 -5.33
C LYS A 193 -0.96 -23.41 -5.82
N PRO A 194 0.02 -23.64 -4.94
CA PRO A 194 1.42 -23.59 -5.36
C PRO A 194 1.63 -24.58 -6.51
N GLY A 195 2.35 -24.15 -7.55
CA GLY A 195 2.58 -25.04 -8.67
C GLY A 195 1.39 -25.26 -9.61
N GLY A 196 0.26 -24.63 -9.32
CA GLY A 196 -0.90 -24.77 -10.17
C GLY A 196 -0.78 -23.84 -11.38
N SER A 197 -1.82 -23.78 -12.19
CA SER A 197 -1.80 -22.93 -13.37
C SER A 197 -2.87 -21.85 -13.25
N PRO A 198 -2.62 -20.68 -13.85
CA PRO A 198 -3.61 -19.60 -13.79
C PRO A 198 -4.90 -20.00 -14.51
N ASP A 199 -6.01 -19.40 -14.10
CA ASP A 199 -7.28 -19.67 -14.75
C ASP A 199 -7.93 -18.34 -15.09
N PRO A 200 -7.70 -17.84 -16.31
CA PRO A 200 -8.24 -16.57 -16.80
C PRO A 200 -9.73 -16.56 -17.11
N SER A 201 -10.37 -17.72 -17.00
CA SER A 201 -11.80 -17.79 -17.32
C SER A 201 -12.70 -17.38 -16.16
N GLY A 202 -12.11 -17.11 -15.01
CA GLY A 202 -12.90 -16.72 -13.86
C GLY A 202 -13.26 -15.25 -13.76
N GLU A 203 -13.92 -14.91 -12.66
CA GLU A 203 -14.34 -13.54 -12.39
C GLU A 203 -13.18 -12.77 -11.77
N VAL A 204 -13.09 -11.48 -12.07
CA VAL A 204 -12.10 -10.60 -11.43
C VAL A 204 -12.97 -9.91 -10.36
N ASN A 205 -12.87 -10.35 -9.10
CA ASN A 205 -13.67 -9.81 -7.99
C ASN A 205 -12.71 -9.08 -7.06
N THR A 206 -12.81 -7.75 -7.03
CA THR A 206 -11.88 -6.99 -6.23
C THR A 206 -12.22 -6.84 -4.76
N ASN A 207 -13.24 -7.57 -4.30
CA ASN A 207 -13.52 -7.61 -2.87
C ASN A 207 -12.47 -8.55 -2.26
N VAL A 208 -12.00 -9.51 -3.06
CA VAL A 208 -11.02 -10.48 -2.59
C VAL A 208 -9.67 -9.82 -2.37
N ALA A 209 -9.06 -10.08 -1.22
CA ALA A 209 -7.77 -9.52 -0.92
C ALA A 209 -7.06 -10.30 0.17
N TYR A 210 -5.73 -10.40 0.05
CA TYR A 210 -4.90 -11.06 1.04
C TYR A 210 -3.99 -9.98 1.61
N CYS A 211 -3.95 -9.84 2.93
CA CYS A 211 -3.14 -8.80 3.56
C CYS A 211 -2.19 -9.35 4.58
N SER A 212 -0.97 -8.85 4.51
CA SER A 212 0.07 -9.20 5.47
C SER A 212 0.07 -8.12 6.57
N VAL A 213 0.27 -8.54 7.81
CA VAL A 213 0.36 -7.63 8.95
C VAL A 213 1.81 -7.62 9.37
N LEU A 214 2.41 -6.44 9.40
CA LEU A 214 3.84 -6.33 9.71
C LEU A 214 4.23 -5.42 10.84
N ARG A 215 5.37 -5.75 11.44
CA ARG A 215 5.98 -4.94 12.48
C ARG A 215 7.23 -4.29 11.86
N SER A 216 7.39 -2.98 12.09
CA SER A 216 8.64 -2.33 11.69
C SER A 216 8.87 -1.18 12.68
N ARG A 217 9.72 -0.25 12.29
CA ARG A 217 10.05 0.92 13.10
C ARG A 217 10.81 1.87 12.20
N LEU A 218 10.41 3.13 12.20
CA LEU A 218 11.10 4.17 11.42
C LEU A 218 11.62 5.15 12.46
N GLY A 219 12.94 5.29 12.50
CA GLY A 219 13.52 6.16 13.51
C GLY A 219 13.14 5.60 14.87
N ASN A 220 12.60 6.44 15.75
CA ASN A 220 12.23 5.95 17.07
C ASN A 220 10.74 5.68 17.16
N HIS A 221 10.12 5.43 16.00
CA HIS A 221 8.69 5.20 15.92
C HIS A 221 8.29 3.78 15.52
N PRO A 222 7.94 2.93 16.50
CA PRO A 222 7.54 1.55 16.16
C PRO A 222 6.26 1.61 15.30
N LEU A 223 6.14 0.68 14.35
CA LEU A 223 5.02 0.61 13.42
C LEU A 223 4.38 -0.77 13.34
N LEU A 224 3.04 -0.75 13.28
CA LEU A 224 2.24 -1.96 13.06
C LEU A 224 1.36 -1.55 11.87
N PHE A 225 1.53 -2.17 10.73
CA PHE A 225 0.72 -1.82 9.57
C PHE A 225 0.44 -3.03 8.74
N SER A 226 -0.49 -2.90 7.81
CA SER A 226 -0.83 -4.04 6.98
C SER A 226 -0.96 -3.58 5.55
N GLY A 227 -0.60 -4.46 4.65
CA GLY A 227 -0.70 -4.12 3.24
C GLY A 227 -1.16 -5.31 2.43
N GLU A 228 -1.89 -5.04 1.37
CA GLU A 228 -2.32 -6.10 0.45
C GLU A 228 -1.06 -6.66 -0.21
N VAL A 229 -1.04 -7.99 -0.37
CA VAL A 229 0.09 -8.70 -0.99
C VAL A 229 -0.53 -9.45 -2.17
N ASP A 230 0.09 -9.29 -3.34
CA ASP A 230 -0.46 -9.88 -4.54
C ASP A 230 -0.30 -11.37 -4.67
N CYS A 231 0.84 -11.91 -4.28
CA CYS A 231 1.03 -13.35 -4.36
C CYS A 231 2.30 -13.77 -3.63
N LEU A 232 2.42 -15.06 -3.39
CA LEU A 232 3.59 -15.68 -2.79
C LEU A 232 4.24 -16.47 -3.94
N ASN A 233 5.57 -16.40 -4.05
CA ASN A 233 6.30 -17.10 -5.12
C ASN A 233 6.92 -18.39 -4.61
N PRO A 234 6.33 -19.54 -4.98
CA PRO A 234 6.89 -20.84 -4.52
C PRO A 234 8.27 -21.11 -5.12
N GLN A 235 8.63 -20.41 -6.18
CA GLN A 235 9.92 -20.61 -6.82
C GLN A 235 11.03 -19.73 -6.24
N ALA A 236 10.67 -18.89 -5.28
CA ALA A 236 11.65 -18.02 -4.65
C ALA A 236 12.52 -18.81 -3.67
N PRO A 237 13.85 -18.64 -3.77
CA PRO A 237 14.74 -19.34 -2.85
C PRO A 237 14.45 -18.98 -1.39
N CYS A 238 14.11 -17.73 -1.13
CA CYS A 238 13.79 -17.27 0.23
C CYS A 238 12.32 -17.56 0.47
N THR A 239 12.05 -18.52 1.34
CA THR A 239 10.68 -18.92 1.59
C THR A 239 9.94 -18.21 2.72
N GLN A 240 10.66 -17.48 3.58
CA GLN A 240 10.04 -16.81 4.72
C GLN A 240 9.42 -15.45 4.36
N PRO A 241 8.13 -15.23 4.67
CA PRO A 241 7.47 -13.94 4.36
C PRO A 241 8.20 -12.87 5.17
N PRO A 242 8.29 -11.65 4.63
CA PRO A 242 7.78 -11.22 3.33
C PRO A 242 8.69 -11.46 2.13
N SER A 243 9.85 -12.10 2.34
CA SER A 243 10.81 -12.34 1.25
C SER A 243 10.31 -13.10 0.06
N CYS A 244 9.31 -13.95 0.28
CA CYS A 244 8.76 -14.77 -0.77
C CYS A 244 7.62 -14.09 -1.53
N TYR A 245 7.21 -12.90 -1.10
CA TYR A 245 6.10 -12.24 -1.79
C TYR A 245 6.55 -11.49 -3.04
N VAL A 246 5.63 -11.35 -3.97
CA VAL A 246 5.88 -10.64 -5.24
C VAL A 246 4.72 -9.71 -5.48
N GLU A 247 5.03 -8.47 -5.91
CA GLU A 247 4.03 -7.47 -6.25
C GLU A 247 3.88 -7.51 -7.78
N LEU A 248 2.65 -7.42 -8.27
CA LEU A 248 2.40 -7.50 -9.71
C LEU A 248 1.85 -6.18 -10.20
N LYS A 249 2.50 -5.63 -11.23
CA LYS A 249 2.12 -4.35 -11.78
C LYS A 249 2.05 -4.38 -13.30
N THR A 250 1.31 -3.43 -13.87
CA THR A 250 1.32 -3.25 -15.33
C THR A 250 1.67 -1.79 -15.60
N SER A 251 2.20 -1.53 -16.79
CA SER A 251 2.55 -0.18 -17.19
C SER A 251 2.59 -0.20 -18.71
N LYS A 252 2.46 0.96 -19.36
CA LYS A 252 2.52 0.96 -20.82
C LYS A 252 3.92 0.58 -21.32
N GLU A 253 3.95 -0.07 -22.49
CA GLU A 253 5.20 -0.44 -23.14
C GLU A 253 5.96 0.85 -23.42
N MET A 254 7.28 0.80 -23.34
CA MET A 254 8.12 1.96 -23.58
C MET A 254 9.11 1.59 -24.68
N HIS A 255 9.52 2.57 -25.49
CA HIS A 255 10.44 2.26 -26.57
C HIS A 255 11.67 3.16 -26.64
N SER A 256 11.57 4.35 -26.08
CA SER A 256 12.68 5.30 -26.11
C SER A 256 13.34 5.50 -24.76
N PRO A 257 14.60 5.95 -24.74
CA PRO A 257 15.24 6.16 -23.42
C PRO A 257 14.46 7.21 -22.63
N GLY A 258 13.81 8.14 -23.33
CA GLY A 258 13.05 9.19 -22.67
C GLY A 258 11.84 8.64 -21.92
N GLN A 259 11.17 7.69 -22.54
CA GLN A 259 9.98 7.09 -21.92
C GLN A 259 10.39 6.31 -20.69
N TRP A 260 11.51 5.59 -20.80
CA TRP A 260 12.03 4.83 -19.67
C TRP A 260 12.41 5.76 -18.55
N ARG A 261 13.04 6.88 -18.90
CA ARG A 261 13.44 7.85 -17.88
C ARG A 261 12.26 8.40 -17.11
N SER A 262 11.16 8.70 -17.81
CA SER A 262 10.00 9.25 -17.16
C SER A 262 9.41 8.18 -16.21
N PHE A 263 9.46 6.94 -16.65
CA PHE A 263 8.96 5.81 -15.86
C PHE A 263 9.84 5.67 -14.60
N TYR A 264 11.16 5.74 -14.75
CA TYR A 264 12.04 5.63 -13.59
C TYR A 264 11.80 6.75 -12.57
N ARG A 265 11.58 7.97 -13.09
CA ARG A 265 11.38 9.11 -12.23
C ARG A 265 10.06 9.19 -11.52
N HIS A 266 9.01 8.70 -12.16
CA HIS A 266 7.70 8.84 -11.58
C HIS A 266 7.05 7.55 -11.12
N LYS A 267 6.92 6.60 -12.02
CA LYS A 267 6.27 5.36 -11.65
C LYS A 267 7.07 4.49 -10.69
N LEU A 268 8.37 4.32 -10.93
CA LEU A 268 9.17 3.49 -10.03
C LEU A 268 9.22 4.03 -8.62
N LEU A 269 9.10 5.36 -8.46
CA LEU A 269 9.07 5.90 -7.11
C LEU A 269 7.87 5.31 -6.36
N LYS A 270 6.71 5.26 -7.01
CA LYS A 270 5.51 4.72 -6.34
C LYS A 270 5.63 3.23 -6.09
N TRP A 271 6.16 2.48 -7.05
CA TRP A 271 6.32 1.06 -6.85
C TRP A 271 7.31 0.77 -5.74
N TRP A 272 8.40 1.55 -5.70
CA TRP A 272 9.40 1.38 -4.65
C TRP A 272 8.82 1.64 -3.28
N ALA A 273 8.16 2.78 -3.12
CA ALA A 273 7.66 3.12 -1.81
C ALA A 273 6.69 2.06 -1.30
N GLN A 274 5.82 1.60 -2.19
CA GLN A 274 4.81 0.64 -1.80
C GLN A 274 5.37 -0.72 -1.40
N SER A 275 6.39 -1.20 -2.11
CA SER A 275 6.96 -2.52 -1.78
C SER A 275 8.08 -2.45 -0.77
N PHE A 276 8.76 -1.31 -0.67
CA PHE A 276 9.84 -1.21 0.30
C PHE A 276 9.31 -1.33 1.72
N LEU A 277 8.20 -0.66 1.99
CA LEU A 277 7.68 -0.68 3.36
C LEU A 277 7.43 -2.05 3.96
N PRO A 278 6.72 -2.92 3.25
CA PRO A 278 6.45 -4.25 3.82
C PRO A 278 7.56 -5.26 3.56
N GLY A 279 8.66 -4.85 2.90
CA GLY A 279 9.74 -5.78 2.64
C GLY A 279 9.47 -6.75 1.50
N VAL A 280 8.63 -6.38 0.53
CA VAL A 280 8.35 -7.24 -0.62
C VAL A 280 9.54 -6.96 -1.54
N PRO A 281 10.34 -7.97 -1.84
CA PRO A 281 11.53 -7.73 -2.64
C PRO A 281 11.53 -7.68 -4.12
N HIS A 282 10.43 -8.07 -4.73
CA HIS A 282 10.36 -8.06 -6.19
C HIS A 282 9.03 -7.60 -6.68
N VAL A 283 9.07 -6.73 -7.70
CA VAL A 283 7.86 -6.29 -8.38
C VAL A 283 8.03 -6.81 -9.80
N VAL A 284 7.04 -7.55 -10.28
CA VAL A 284 7.06 -8.06 -11.66
C VAL A 284 6.09 -7.22 -12.48
N ALA A 285 6.61 -6.60 -13.54
CA ALA A 285 5.80 -5.76 -14.40
C ALA A 285 5.42 -6.40 -15.72
N GLY A 286 4.15 -6.21 -16.10
CA GLY A 286 3.65 -6.66 -17.38
C GLY A 286 3.51 -5.38 -18.21
N PHE A 287 4.27 -5.27 -19.30
CA PHE A 287 4.17 -4.07 -20.14
C PHE A 287 3.10 -4.27 -21.17
N ARG A 288 2.16 -3.34 -21.20
CA ARG A 288 1.01 -3.50 -22.09
C ARG A 288 1.06 -2.59 -23.29
N ASN A 289 0.65 -3.14 -24.42
CA ASN A 289 0.63 -2.37 -25.64
C ASN A 289 -0.69 -1.58 -25.73
N PRO A 290 -0.80 -0.71 -26.75
CA PRO A 290 -2.01 0.09 -26.90
C PRO A 290 -3.29 -0.71 -27.08
N GLU A 291 -3.16 -1.93 -27.56
CA GLU A 291 -4.32 -2.77 -27.78
C GLU A 291 -4.77 -3.50 -26.51
N GLY A 292 -4.04 -3.34 -25.39
CA GLY A 292 -4.45 -3.97 -24.16
C GLY A 292 -3.84 -5.33 -23.86
N PHE A 293 -2.77 -5.68 -24.58
CA PHE A 293 -2.11 -6.96 -24.34
C PHE A 293 -0.78 -6.80 -23.65
N VAL A 294 -0.50 -7.70 -22.72
CA VAL A 294 0.82 -7.69 -22.08
C VAL A 294 1.68 -8.61 -22.92
N CYS A 295 2.70 -8.04 -23.56
CA CYS A 295 3.58 -8.83 -24.40
C CYS A 295 5.03 -8.93 -23.92
N SER A 296 5.32 -8.42 -22.72
CA SER A 296 6.65 -8.57 -22.13
C SER A 296 6.52 -8.45 -20.62
N LEU A 297 7.44 -9.13 -19.93
CA LEU A 297 7.45 -9.16 -18.48
C LEU A 297 8.84 -8.85 -17.99
N LYS A 298 8.93 -8.10 -16.90
CA LYS A 298 10.24 -7.79 -16.36
C LYS A 298 10.19 -7.65 -14.84
N THR A 299 11.16 -8.27 -14.17
CA THR A 299 11.27 -8.14 -12.72
C THR A 299 12.07 -6.92 -12.32
N PHE A 300 11.55 -6.19 -11.33
CA PHE A 300 12.25 -5.05 -10.77
C PHE A 300 12.50 -5.33 -9.29
N PRO A 301 13.73 -5.70 -8.91
CA PRO A 301 13.98 -5.95 -7.50
C PRO A 301 13.84 -4.61 -6.75
N THR A 302 13.05 -4.60 -5.69
CA THR A 302 12.81 -3.37 -4.94
C THR A 302 14.08 -2.65 -4.50
N MET A 303 15.07 -3.41 -4.04
CA MET A 303 16.30 -2.78 -3.57
C MET A 303 17.19 -2.22 -4.67
N GLU A 304 16.84 -2.45 -5.93
CA GLU A 304 17.63 -1.95 -7.04
C GLU A 304 16.88 -0.83 -7.79
N MET A 305 15.66 -0.52 -7.38
CA MET A 305 14.90 0.49 -8.12
C MET A 305 15.55 1.86 -8.11
N PHE A 306 16.08 2.26 -6.96
CA PHE A 306 16.72 3.56 -6.83
C PHE A 306 17.93 3.74 -7.75
N GLU A 307 18.58 2.65 -8.10
CA GLU A 307 19.76 2.74 -8.96
C GLU A 307 19.47 3.46 -10.27
N ASN A 308 18.25 3.30 -10.77
CA ASN A 308 17.86 3.92 -12.03
C ASN A 308 17.81 5.45 -11.99
N VAL A 309 17.74 6.05 -10.79
CA VAL A 309 17.72 7.50 -10.67
C VAL A 309 18.80 8.08 -9.73
N ARG A 310 19.72 7.23 -9.27
CA ARG A 310 20.78 7.66 -8.34
C ARG A 310 21.62 8.85 -8.85
N ASN A 311 21.83 8.90 -10.15
CA ASN A 311 22.64 9.99 -10.73
C ASN A 311 21.79 10.83 -11.66
N ASP A 312 20.53 11.00 -11.29
CA ASP A 312 19.57 11.74 -12.09
C ASP A 312 19.19 13.03 -11.36
N ARG A 313 19.45 14.16 -12.02
CA ARG A 313 19.11 15.47 -11.45
C ARG A 313 17.63 15.64 -11.18
N GLU A 314 16.80 14.88 -11.89
CA GLU A 314 15.35 14.97 -11.71
C GLU A 314 14.83 13.71 -11.06
N GLY A 315 15.70 12.98 -10.37
CA GLY A 315 15.27 11.74 -9.72
C GLY A 315 14.78 11.92 -8.29
N TRP A 316 14.34 10.81 -7.71
CA TRP A 316 13.87 10.77 -6.33
C TRP A 316 14.94 10.08 -5.50
N ASN A 317 14.85 10.27 -4.18
CA ASN A 317 15.83 9.74 -3.27
C ASN A 317 15.13 9.06 -2.11
N PRO A 318 15.36 7.75 -1.91
CA PRO A 318 14.73 7.01 -0.81
C PRO A 318 14.94 7.70 0.55
N SER A 319 16.09 8.35 0.71
CA SER A 319 16.37 9.01 1.98
C SER A 319 15.41 10.15 2.22
N VAL A 320 15.09 10.90 1.17
CA VAL A 320 14.14 12.00 1.30
C VAL A 320 12.76 11.45 1.70
N CYS A 321 12.33 10.39 1.02
CA CYS A 321 11.04 9.78 1.30
C CYS A 321 10.94 9.35 2.76
N MET A 322 11.97 8.64 3.23
CA MET A 322 11.95 8.13 4.58
C MET A 322 12.17 9.20 5.64
N ASN A 323 13.06 10.16 5.37
CA ASN A 323 13.24 11.22 6.35
C ASN A 323 11.97 12.07 6.48
N PHE A 324 11.26 12.30 5.38
CA PHE A 324 10.01 13.06 5.50
C PHE A 324 9.00 12.23 6.29
N CYS A 325 8.86 10.95 5.96
CA CYS A 325 7.92 10.12 6.71
C CYS A 325 8.25 10.14 8.20
N ALA A 326 9.54 10.04 8.55
CA ALA A 326 9.94 10.07 9.97
C ALA A 326 9.54 11.42 10.59
N ALA A 327 9.79 12.50 9.86
CA ALA A 327 9.43 13.84 10.37
C ALA A 327 7.90 13.95 10.54
N PHE A 328 7.13 13.35 9.64
CA PHE A 328 5.69 13.42 9.81
C PHE A 328 5.28 12.60 11.05
N LEU A 329 5.86 11.41 11.24
CA LEU A 329 5.50 10.61 12.42
C LEU A 329 5.83 11.39 13.69
N SER A 330 6.96 12.09 13.72
CA SER A 330 7.32 12.89 14.89
C SER A 330 6.34 14.04 15.07
N PHE A 331 5.98 14.70 13.98
CA PHE A 331 5.03 15.81 14.03
C PHE A 331 3.66 15.32 14.53
N ALA A 332 3.20 14.20 14.02
CA ALA A 332 1.89 13.69 14.44
C ALA A 332 1.91 13.25 15.89
N GLN A 333 2.97 12.55 16.29
CA GLN A 333 3.05 12.09 17.69
C GLN A 333 3.11 13.29 18.65
N SER A 334 3.90 14.31 18.30
CA SER A 334 4.00 15.46 19.21
C SER A 334 2.71 16.29 19.24
N THR A 335 1.98 16.31 18.13
CA THR A 335 0.77 17.10 18.04
C THR A 335 -0.42 16.45 18.72
N VAL A 336 -0.56 15.13 18.59
CA VAL A 336 -1.70 14.43 19.19
C VAL A 336 -1.35 14.05 20.60
N VAL A 337 -1.61 14.94 21.54
CA VAL A 337 -1.27 14.66 22.94
C VAL A 337 -2.39 13.92 23.66
N GLN A 338 -3.62 14.32 23.40
CA GLN A 338 -4.76 13.73 24.07
C GLN A 338 -5.08 12.29 23.68
N ASP A 339 -5.22 11.44 24.70
CA ASP A 339 -5.60 10.05 24.49
C ASP A 339 -7.13 10.10 24.54
N ASP A 340 -7.75 9.91 23.38
CA ASP A 340 -9.21 9.98 23.23
C ASP A 340 -9.55 9.44 21.86
N PRO A 341 -10.22 8.29 21.82
CA PRO A 341 -10.56 7.69 20.53
C PRO A 341 -11.61 8.43 19.73
N ARG A 342 -12.26 9.42 20.35
CA ARG A 342 -13.29 10.20 19.67
C ARG A 342 -12.76 11.54 19.18
N LEU A 343 -11.48 11.82 19.44
CA LEU A 343 -10.89 13.08 19.01
C LEU A 343 -9.99 12.79 17.81
N VAL A 344 -10.01 13.68 16.82
CA VAL A 344 -9.20 13.55 15.63
C VAL A 344 -8.39 14.81 15.35
N HIS A 345 -7.09 14.61 15.10
CA HIS A 345 -6.27 15.70 14.59
C HIS A 345 -6.19 15.34 13.12
N LEU A 346 -6.71 16.22 12.26
CA LEU A 346 -6.73 15.95 10.82
C LEU A 346 -5.53 16.64 10.17
N PHE A 347 -4.65 15.85 9.57
CA PHE A 347 -3.47 16.39 8.91
C PHE A 347 -3.80 16.45 7.42
N SER A 348 -3.75 17.66 6.87
CA SER A 348 -4.11 17.88 5.47
C SER A 348 -2.95 18.42 4.67
N TRP A 349 -2.84 17.95 3.43
CA TRP A 349 -1.72 18.37 2.59
C TRP A 349 -2.11 18.43 1.13
N GLU A 350 -1.66 19.50 0.46
CA GLU A 350 -1.84 19.68 -0.97
C GLU A 350 -0.50 20.09 -1.57
N PRO A 351 -0.20 19.66 -2.80
CA PRO A 351 1.06 20.02 -3.44
C PRO A 351 1.26 21.54 -3.38
N GLY A 352 2.47 21.96 -3.05
CA GLY A 352 2.76 23.38 -2.95
C GLY A 352 2.70 23.98 -1.56
N GLY A 353 2.09 23.27 -0.61
CA GLY A 353 2.00 23.81 0.73
C GLY A 353 2.51 22.84 1.77
N PRO A 354 2.45 23.22 3.05
CA PRO A 354 2.92 22.36 4.14
C PRO A 354 1.77 21.49 4.63
N VAL A 355 2.09 20.56 5.53
CA VAL A 355 1.04 19.74 6.13
C VAL A 355 0.44 20.61 7.23
N THR A 356 -0.88 20.79 7.21
CA THR A 356 -1.59 21.60 8.20
C THR A 356 -2.48 20.74 9.11
N VAL A 357 -2.89 21.28 10.24
CA VAL A 357 -3.66 20.48 11.19
C VAL A 357 -4.94 21.18 11.62
N SER A 358 -6.01 20.41 11.77
CA SER A 358 -7.27 20.92 12.31
C SER A 358 -7.74 19.88 13.34
N VAL A 359 -8.54 20.28 14.32
CA VAL A 359 -8.98 19.35 15.37
C VAL A 359 -10.48 19.20 15.37
N HIS A 360 -10.95 17.96 15.51
CA HIS A 360 -12.38 17.66 15.42
C HIS A 360 -12.78 16.57 16.37
N ARG A 361 -14.04 16.55 16.77
CA ARG A 361 -14.52 15.47 17.66
C ARG A 361 -15.70 14.74 16.99
N ASP A 362 -15.78 13.44 17.25
CA ASP A 362 -16.86 12.60 16.76
C ASP A 362 -17.05 12.61 15.24
N ALA A 363 -18.30 12.47 14.78
CA ALA A 363 -18.58 12.41 13.34
C ALA A 363 -18.34 13.74 12.65
N PRO A 364 -17.91 13.71 11.38
CA PRO A 364 -17.64 12.49 10.58
C PRO A 364 -16.23 11.93 10.64
N TYR A 365 -15.30 12.65 11.24
CA TYR A 365 -13.91 12.22 11.22
C TYR A 365 -13.49 11.11 12.15
N ALA A 366 -14.10 10.98 13.32
CA ALA A 366 -13.71 9.93 14.26
C ALA A 366 -13.88 8.58 13.53
N PHE A 367 -12.89 7.71 13.67
CA PHE A 367 -12.88 6.45 12.93
C PHE A 367 -12.67 5.18 13.74
N LEU A 368 -12.36 5.28 15.04
CA LEU A 368 -12.18 4.08 15.86
C LEU A 368 -13.60 3.67 16.30
N PRO A 369 -14.08 2.50 15.87
CA PRO A 369 -15.43 2.05 16.23
C PRO A 369 -15.60 1.61 17.65
N SER A 370 -16.82 1.77 18.18
CA SER A 370 -17.07 1.34 19.55
C SER A 370 -16.76 -0.13 19.78
N TRP A 371 -16.98 -0.99 18.79
CA TRP A 371 -16.69 -2.41 19.02
C TRP A 371 -15.23 -2.64 19.33
N TYR A 372 -14.35 -1.78 18.81
CA TYR A 372 -12.94 -1.92 19.10
C TYR A 372 -12.60 -1.22 20.42
N VAL A 373 -13.06 0.02 20.56
CA VAL A 373 -12.77 0.79 21.77
C VAL A 373 -13.25 0.10 23.04
N GLU A 374 -14.48 -0.36 23.02
CA GLU A 374 -15.04 -1.03 24.21
C GLU A 374 -14.24 -2.26 24.61
N THR A 375 -13.90 -3.11 23.64
CA THR A 375 -13.17 -4.33 23.96
C THR A 375 -11.77 -4.03 24.47
N MET A 376 -11.08 -3.08 23.86
CA MET A 376 -9.74 -2.76 24.32
C MET A 376 -9.76 -2.14 25.71
N THR A 377 -10.80 -1.36 26.01
CA THR A 377 -10.91 -0.70 27.32
C THR A 377 -11.16 -1.71 28.42
N GLN A 378 -11.95 -2.73 28.12
CA GLN A 378 -12.27 -3.75 29.11
C GLN A 378 -11.13 -4.74 29.39
#